data_9ECH
#
_entry.id   9ECH
#
_cell.length_a   98.374
_cell.length_b   98.374
_cell.length_c   68.820
_cell.angle_alpha   90.000
_cell.angle_beta   90.000
_cell.angle_gamma   120.000
#
_symmetry.space_group_name_H-M   'P 31 2 1'
#
loop_
_entity.id
_entity.type
_entity.pdbx_description
1 polymer 'Pantothenate kinase 3'
2 non-polymer N-(3-{2-[4-(6-chloropyridazin-3-yl)piperazin-1-yl]-2-oxoethyl}phenyl)ethanesulfonamide
3 non-polymer 'MAGNESIUM ION'
4 non-polymer 'PHOSPHOAMINOPHOSPHONIC ACID-ADENYLATE ESTER'
5 non-polymer 1,2-ETHANEDIOL
6 non-polymer 'ACETATE ION'
7 water water
#
_entity_poly.entity_id   1
_entity_poly.type   'polypeptide(L)'
_entity_poly.pdbx_seq_one_letter_code
;MGSSHHHHHHSSGLVPRGSPWFGMDIGGTLVKLSYFEPIDITAEEEQEEVESLKSIRKYLTSNVAYGSTGIRDVHLELKD
LTLFGRRGNLHFIRFPTQDLPTFIQMGRDKNFSTLQTVLCATGGGAYKFEKDFRTIGNLHLHKLDELDCLVKGLLYIDSV
SFNGQAECYYFANASEPERCQKMPFNLDDPYPLLVVNIGSGVSILAVHSKDNYKRVTGTSLGGGTFLGLCSLLTGCESFE
EALEMASKGDSTQADKLVRDIYGGDYERFGLPGWAVASSFGNMIYKEKRESVSKEDLARATLVTITNNIGSVARMCAVNE
KINRVVFVGNFLRVNTLSMKLLAYALDYWSKGQLKALFLEHEGYFGAVGALLGLPNFSDD
;
_entity_poly.pdbx_strand_id   A
#
loop_
_chem_comp.id
_chem_comp.type
_chem_comp.name
_chem_comp.formula
A1BHH non-polymer N-(3-{2-[4-(6-chloropyridazin-3-yl)piperazin-1-yl]-2-oxoethyl}phenyl)ethanesulfonamide 'C18 H22 Cl N5 O3 S'
ACT non-polymer 'ACETATE ION' 'C2 H3 O2 -1'
ANP non-polymer 'PHOSPHOAMINOPHOSPHONIC ACID-ADENYLATE ESTER' 'C10 H17 N6 O12 P3'
EDO non-polymer 1,2-ETHANEDIOL 'C2 H6 O2'
MG non-polymer 'MAGNESIUM ION' 'Mg 2'
#
# COMPACT_ATOMS: atom_id res chain seq x y z
N SER A 19 -14.67 2.02 25.42
CA SER A 19 -13.63 2.55 24.55
C SER A 19 -13.77 2.00 23.13
N PRO A 20 -13.60 2.86 22.13
CA PRO A 20 -13.68 2.41 20.74
C PRO A 20 -12.49 1.54 20.39
N TRP A 21 -12.71 0.64 19.43
CA TRP A 21 -11.69 -0.32 19.01
C TRP A 21 -11.01 0.21 17.75
N PHE A 22 -9.85 0.82 17.93
CA PHE A 22 -9.09 1.43 16.84
C PHE A 22 -7.79 0.69 16.60
N GLY A 23 -7.32 0.75 15.36
CA GLY A 23 -5.98 0.33 15.01
C GLY A 23 -5.37 1.34 14.06
N MET A 24 -4.19 1.85 14.40
CA MET A 24 -3.62 2.97 13.68
C MET A 24 -2.21 2.65 13.20
N ASP A 25 -1.95 2.97 11.93
CA ASP A 25 -0.62 2.85 11.33
C ASP A 25 -0.23 4.24 10.84
N ILE A 26 0.66 4.89 11.58
CA ILE A 26 1.11 6.25 11.26
C ILE A 26 2.39 6.11 10.45
N GLY A 27 2.26 6.19 9.13
CA GLY A 27 3.41 6.12 8.24
C GLY A 27 4.03 7.48 7.99
N GLY A 28 5.08 7.47 7.16
CA GLY A 28 5.76 8.70 6.82
C GLY A 28 4.94 9.65 5.98
N THR A 29 3.92 9.14 5.30
CA THR A 29 3.07 9.96 4.42
C THR A 29 1.61 9.93 4.82
N LEU A 30 1.05 8.75 5.08
CA LEU A 30 -0.36 8.60 5.37
C LEU A 30 -0.57 7.90 6.70
N VAL A 31 -1.64 8.29 7.39
CA VAL A 31 -2.10 7.60 8.59
C VAL A 31 -3.25 6.70 8.20
N LYS A 32 -3.15 5.42 8.54
CA LYS A 32 -4.18 4.44 8.24
C LYS A 32 -4.86 4.01 9.53
N LEU A 33 -6.18 4.05 9.54
CA LEU A 33 -6.97 3.77 10.73
C LEU A 33 -8.01 2.70 10.42
N SER A 34 -8.03 1.66 11.25
CA SER A 34 -9.04 0.61 11.17
C SER A 34 -9.94 0.70 12.40
N TYR A 35 -11.25 0.74 12.17
CA TYR A 35 -12.23 0.93 13.23
C TYR A 35 -13.26 -0.19 13.16
N PHE A 36 -13.48 -0.88 14.27
CA PHE A 36 -14.45 -1.95 14.37
C PHE A 36 -15.74 -1.38 14.97
N GLU A 37 -16.79 -1.30 14.15
CA GLU A 37 -18.06 -0.75 14.58
C GLU A 37 -18.97 -1.89 15.05
N PRO A 38 -19.30 -1.97 16.35
CA PRO A 38 -20.19 -3.04 16.80
C PRO A 38 -21.58 -2.87 16.24
N ILE A 39 -22.16 -3.97 15.77
CA ILE A 39 -23.52 -3.98 15.27
C ILE A 39 -24.46 -4.83 16.11
N ASP A 40 -23.94 -5.62 17.06
CA ASP A 40 -24.76 -6.43 17.97
C ASP A 40 -24.97 -5.73 19.31
N ILE A 41 -25.19 -4.42 19.29
CA ILE A 41 -25.33 -3.65 20.52
C ILE A 41 -26.72 -3.88 21.11
N THR A 42 -26.75 -4.27 22.39
CA THR A 42 -28.02 -4.50 23.05
C THR A 42 -28.61 -3.20 23.56
N ALA A 43 -29.89 -3.24 23.92
CA ALA A 43 -30.55 -2.05 24.44
C ALA A 43 -29.92 -1.59 25.75
N GLU A 44 -29.41 -2.53 26.54
CA GLU A 44 -28.73 -2.16 27.78
C GLU A 44 -27.40 -1.49 27.50
N GLU A 45 -26.64 -2.02 26.53
CA GLU A 45 -25.35 -1.44 26.19
C GLU A 45 -25.48 -0.04 25.63
N GLU A 46 -26.60 0.23 24.93
CA GLU A 46 -26.79 1.56 24.34
C GLU A 46 -26.93 2.62 25.43
N GLN A 47 -27.65 2.31 26.51
CA GLN A 47 -27.78 3.26 27.61
C GLN A 47 -26.46 3.43 28.34
N GLU A 48 -25.76 2.32 28.62
CA GLU A 48 -24.48 2.42 29.31
C GLU A 48 -23.41 3.07 28.44
N GLU A 49 -23.64 3.17 27.13
CA GLU A 49 -22.72 3.84 26.24
C GLU A 49 -22.67 5.32 26.53
N VAL A 50 -21.45 5.85 26.73
CA VAL A 50 -21.30 7.28 26.97
C VAL A 50 -21.62 8.06 25.69
N GLU A 51 -22.03 9.32 25.87
CA GLU A 51 -22.43 10.13 24.72
C GLU A 51 -21.26 10.36 23.77
N SER A 52 -20.04 10.40 24.28
CA SER A 52 -18.88 10.52 23.40
C SER A 52 -18.75 9.30 22.50
N LEU A 53 -19.00 8.11 23.06
CA LEU A 53 -18.93 6.89 22.26
C LEU A 53 -20.00 6.90 21.16
N LYS A 54 -21.16 7.48 21.46
CA LYS A 54 -22.20 7.59 20.44
C LYS A 54 -21.84 8.65 19.40
N SER A 55 -21.16 9.71 19.82
CA SER A 55 -20.81 10.78 18.88
C SER A 55 -19.75 10.32 17.90
N ILE A 56 -18.74 9.58 18.38
CA ILE A 56 -17.66 9.15 17.48
C ILE A 56 -18.17 8.07 16.53
N ARG A 57 -18.98 7.13 17.02
CA ARG A 57 -19.53 6.09 16.15
C ARG A 57 -20.44 6.71 15.08
N LYS A 58 -21.24 7.69 15.47
CA LYS A 58 -22.07 8.40 14.51
C LYS A 58 -21.21 9.14 13.51
N TYR A 59 -20.24 9.92 14.01
CA TYR A 59 -19.40 10.73 13.12
C TYR A 59 -18.67 9.88 12.10
N LEU A 60 -18.15 8.72 12.52
CA LEU A 60 -17.39 7.90 11.60
C LEU A 60 -18.28 7.14 10.62
N THR A 61 -19.49 6.78 11.04
CA THR A 61 -20.38 6.00 10.19
C THR A 61 -21.33 6.87 9.37
N SER A 62 -21.60 8.10 9.81
CA SER A 62 -22.49 8.99 9.06
C SER A 62 -21.76 9.84 8.04
N ASN A 63 -20.43 9.82 8.02
CA ASN A 63 -19.65 10.62 7.10
C ASN A 63 -18.62 9.75 6.39
N VAL A 64 -18.37 10.07 5.12
CA VAL A 64 -17.32 9.43 4.35
C VAL A 64 -16.11 10.32 4.15
N ALA A 65 -16.23 11.62 4.44
CA ALA A 65 -15.13 12.56 4.38
C ALA A 65 -15.03 13.27 5.72
N TYR A 66 -13.90 13.13 6.39
CA TYR A 66 -13.67 13.70 7.71
C TYR A 66 -12.77 14.92 7.58
N GLY A 67 -13.28 16.08 7.98
CA GLY A 67 -12.53 17.30 7.78
C GLY A 67 -12.35 17.57 6.30
N SER A 68 -11.17 18.05 5.93
CA SER A 68 -10.85 18.33 4.53
C SER A 68 -9.88 17.34 3.93
N THR A 69 -9.31 16.43 4.73
CA THR A 69 -8.31 15.49 4.25
C THR A 69 -8.57 14.05 4.63
N GLY A 70 -9.54 13.77 5.50
CA GLY A 70 -9.84 12.40 5.89
C GLY A 70 -10.85 11.77 4.95
N ILE A 71 -10.61 10.50 4.61
CA ILE A 71 -11.46 9.75 3.70
C ILE A 71 -11.66 8.35 4.25
N ARG A 72 -12.90 7.86 4.18
CA ARG A 72 -13.23 6.49 4.53
C ARG A 72 -13.41 5.69 3.24
N ASP A 73 -12.57 4.67 3.06
CA ASP A 73 -12.67 3.77 1.90
C ASP A 73 -13.82 2.81 2.15
N VAL A 74 -15.02 3.25 1.77
CA VAL A 74 -16.23 2.47 2.08
C VAL A 74 -16.22 1.13 1.35
N HIS A 75 -15.67 1.10 0.14
CA HIS A 75 -15.68 -0.14 -0.65
C HIS A 75 -14.88 -1.26 -0.01
N LEU A 76 -13.97 -0.94 0.92
CA LEU A 76 -13.15 -1.95 1.57
C LEU A 76 -13.77 -2.48 2.86
N GLU A 77 -14.93 -1.95 3.27
CA GLU A 77 -15.50 -2.31 4.55
C GLU A 77 -15.83 -3.80 4.61
N LEU A 78 -15.44 -4.43 5.71
CA LEU A 78 -15.78 -5.83 5.99
C LEU A 78 -16.99 -5.87 6.90
N LYS A 79 -18.08 -6.45 6.42
CA LYS A 79 -19.35 -6.43 7.12
C LYS A 79 -19.61 -7.74 7.85
N ASP A 80 -20.24 -7.64 9.03
CA ASP A 80 -20.64 -8.79 9.82
C ASP A 80 -19.46 -9.70 10.14
N LEU A 81 -18.39 -9.09 10.64
CA LEU A 81 -17.19 -9.81 11.04
C LEU A 81 -17.21 -10.08 12.53
N THR A 82 -16.86 -11.30 12.92
CA THR A 82 -16.81 -11.68 14.34
C THR A 82 -15.39 -11.43 14.85
N LEU A 83 -15.22 -10.34 15.59
CA LEU A 83 -13.92 -9.97 16.15
C LEU A 83 -14.06 -9.80 17.66
N PHE A 84 -13.17 -10.47 18.40
CA PHE A 84 -13.15 -10.39 19.87
C PHE A 84 -14.47 -10.82 20.49
N GLY A 85 -15.15 -11.77 19.84
CA GLY A 85 -16.40 -12.30 20.36
C GLY A 85 -17.63 -11.50 20.02
N ARG A 86 -17.50 -10.40 19.28
CA ARG A 86 -18.64 -9.58 18.88
C ARG A 86 -18.69 -9.45 17.37
N ARG A 87 -19.91 -9.28 16.85
CA ARG A 87 -20.11 -9.03 15.44
C ARG A 87 -20.09 -7.53 15.16
N GLY A 88 -19.49 -7.17 14.03
CA GLY A 88 -19.44 -5.76 13.67
C GLY A 88 -18.86 -5.57 12.28
N ASN A 89 -18.72 -4.31 11.91
CA ASN A 89 -18.18 -3.91 10.62
C ASN A 89 -16.80 -3.31 10.81
N LEU A 90 -15.86 -3.72 9.95
CA LEU A 90 -14.50 -3.22 9.99
C LEU A 90 -14.35 -2.11 8.95
N HIS A 91 -14.07 -0.90 9.42
CA HIS A 91 -13.96 0.26 8.55
C HIS A 91 -12.48 0.63 8.35
N PHE A 92 -12.20 1.27 7.22
CA PHE A 92 -10.84 1.62 6.83
C PHE A 92 -10.80 3.09 6.45
N ILE A 93 -9.96 3.86 7.15
CA ILE A 93 -9.93 5.32 7.03
C ILE A 93 -8.47 5.75 6.91
N ARG A 94 -8.24 6.80 6.12
CA ARG A 94 -6.89 7.32 5.92
C ARG A 94 -6.93 8.84 5.87
N PHE A 95 -5.80 9.44 6.25
CA PHE A 95 -5.59 10.88 6.11
C PHE A 95 -4.09 11.15 6.17
N PRO A 96 -3.64 12.28 5.65
CA PRO A 96 -2.19 12.55 5.63
C PRO A 96 -1.61 12.66 7.03
N THR A 97 -0.40 12.11 7.21
CA THR A 97 0.30 12.25 8.48
C THR A 97 0.52 13.71 8.84
N GLN A 98 0.61 14.58 7.83
CA GLN A 98 0.80 16.00 8.09
C GLN A 98 -0.36 16.60 8.89
N ASP A 99 -1.54 15.99 8.79
CA ASP A 99 -2.72 16.47 9.48
C ASP A 99 -3.00 15.74 10.79
N LEU A 100 -2.04 14.95 11.27
CA LEU A 100 -2.21 14.27 12.56
C LEU A 100 -2.40 15.25 13.73
N PRO A 101 -1.69 16.39 13.80
CA PRO A 101 -1.98 17.34 14.89
C PRO A 101 -3.45 17.77 14.96
N THR A 102 -4.12 17.89 13.81
CA THR A 102 -5.55 18.17 13.83
C THR A 102 -6.33 17.01 14.41
N PHE A 103 -5.97 15.78 14.02
CA PHE A 103 -6.63 14.61 14.58
C PHE A 103 -6.49 14.57 16.09
N ILE A 104 -5.29 14.88 16.61
CA ILE A 104 -5.06 14.84 18.04
C ILE A 104 -5.82 15.96 18.74
N GLN A 105 -5.90 17.13 18.09
CA GLN A 105 -6.60 18.26 18.70
C GLN A 105 -8.09 17.98 18.81
N MET A 106 -8.67 17.32 17.80
CA MET A 106 -10.08 16.95 17.88
C MET A 106 -10.33 15.98 19.02
N GLY A 107 -9.36 15.10 19.28
CA GLY A 107 -9.53 14.13 20.36
C GLY A 107 -9.44 14.76 21.74
N ARG A 108 -8.61 15.80 21.88
CA ARG A 108 -8.46 16.46 23.17
C ARG A 108 -9.72 17.23 23.58
N ASP A 109 -10.60 17.55 22.63
CA ASP A 109 -11.82 18.28 22.93
C ASP A 109 -13.05 17.39 22.77
N THR A 117 -9.40 5.31 26.72
CA THR A 117 -9.20 4.73 25.40
C THR A 117 -7.79 4.15 25.27
N VAL A 118 -7.70 2.91 24.82
CA VAL A 118 -6.43 2.26 24.53
C VAL A 118 -6.22 2.26 23.03
N LEU A 119 -5.09 2.83 22.59
CA LEU A 119 -4.79 2.99 21.17
C LEU A 119 -3.55 2.17 20.84
N CYS A 120 -3.74 1.10 20.07
CA CYS A 120 -2.64 0.32 19.54
C CYS A 120 -2.18 0.94 18.24
N ALA A 121 -0.93 1.42 18.20
CA ALA A 121 -0.42 2.16 17.06
C ALA A 121 0.88 1.54 16.58
N THR A 122 1.07 1.53 15.26
CA THR A 122 2.31 1.04 14.67
C THR A 122 2.83 2.06 13.66
N GLY A 123 3.87 1.68 12.91
CA GLY A 123 4.51 2.59 12.00
C GLY A 123 5.46 3.54 12.72
N GLY A 124 6.28 4.23 11.93
CA GLY A 124 7.25 5.14 12.50
C GLY A 124 6.64 6.25 13.32
N GLY A 125 5.43 6.68 12.96
CA GLY A 125 4.78 7.76 13.70
C GLY A 125 4.32 7.37 15.08
N ALA A 126 4.18 6.08 15.36
CA ALA A 126 3.83 5.64 16.71
C ALA A 126 4.91 6.03 17.71
N TYR A 127 6.16 6.08 17.27
CA TYR A 127 7.26 6.50 18.14
C TYR A 127 7.49 8.01 18.05
N LYS A 128 7.43 8.57 16.83
CA LYS A 128 7.71 9.99 16.66
C LYS A 128 6.67 10.85 17.37
N PHE A 129 5.39 10.46 17.28
CA PHE A 129 4.30 11.24 17.86
C PHE A 129 3.80 10.63 19.17
N GLU A 130 4.62 9.85 19.86
CA GLU A 130 4.17 9.21 21.09
C GLU A 130 3.78 10.25 22.14
N LYS A 131 4.64 11.24 22.36
CA LYS A 131 4.35 12.28 23.35
C LYS A 131 3.12 13.09 22.97
N ASP A 132 2.84 13.22 21.67
CA ASP A 132 1.68 13.98 21.23
C ASP A 132 0.38 13.25 21.57
N PHE A 133 0.39 11.92 21.43
CA PHE A 133 -0.79 11.15 21.79
C PHE A 133 -1.07 11.21 23.29
N ARG A 134 -0.03 11.29 24.11
CA ARG A 134 -0.21 11.35 25.55
C ARG A 134 -0.87 12.65 26.01
N THR A 135 -0.96 13.66 25.14
CA THR A 135 -1.67 14.88 25.49
C THR A 135 -3.16 14.63 25.68
N ILE A 136 -3.69 13.55 25.11
CA ILE A 136 -5.06 13.13 25.38
C ILE A 136 -5.09 12.48 26.76
N GLY A 137 -5.88 13.07 27.66
CA GLY A 137 -5.92 12.61 29.04
C GLY A 137 -6.29 11.14 29.19
N ASN A 138 -5.51 10.42 29.99
CA ASN A 138 -5.74 9.03 30.35
C ASN A 138 -5.69 8.08 29.16
N LEU A 139 -5.15 8.54 28.02
CA LEU A 139 -5.01 7.67 26.86
C LEU A 139 -3.85 6.71 27.05
N HIS A 140 -4.09 5.43 26.73
CA HIS A 140 -3.07 4.40 26.81
C HIS A 140 -2.57 4.10 25.40
N LEU A 141 -1.29 4.39 25.15
CA LEU A 141 -0.67 4.18 23.85
C LEU A 141 0.27 2.98 23.94
N HIS A 142 -0.01 1.96 23.12
CA HIS A 142 0.81 0.76 23.05
C HIS A 142 1.42 0.68 21.66
N LYS A 143 2.73 0.90 21.57
CA LYS A 143 3.44 0.90 20.29
C LYS A 143 3.73 -0.54 19.88
N LEU A 144 3.28 -0.92 18.69
CA LEU A 144 3.51 -2.24 18.14
C LEU A 144 4.40 -2.13 16.91
N ASP A 145 5.16 -3.19 16.64
CA ASP A 145 6.14 -3.15 15.57
C ASP A 145 5.48 -3.19 14.20
N GLU A 146 6.11 -2.52 13.24
CA GLU A 146 5.55 -2.42 11.89
C GLU A 146 5.54 -3.79 11.20
N LEU A 147 6.53 -4.63 11.49
CA LEU A 147 6.61 -5.94 10.85
C LEU A 147 5.53 -6.87 11.36
N ASP A 148 5.36 -6.94 12.68
CA ASP A 148 4.40 -7.86 13.26
C ASP A 148 2.97 -7.52 12.85
N CYS A 149 2.64 -6.23 12.83
CA CYS A 149 1.28 -5.82 12.48
C CYS A 149 0.99 -6.10 11.01
N LEU A 150 1.97 -5.90 10.13
CA LEU A 150 1.74 -6.13 8.71
C LEU A 150 1.49 -7.61 8.42
N VAL A 151 2.31 -8.48 9.00
CA VAL A 151 2.14 -9.92 8.75
C VAL A 151 0.84 -10.42 9.35
N LYS A 152 0.57 -10.07 10.61
CA LYS A 152 -0.65 -10.52 11.26
C LYS A 152 -1.88 -9.91 10.62
N GLY A 153 -1.79 -8.67 10.14
CA GLY A 153 -2.93 -8.06 9.48
C GLY A 153 -3.20 -8.67 8.12
N LEU A 154 -2.14 -8.94 7.35
CA LEU A 154 -2.30 -9.56 6.03
C LEU A 154 -2.91 -10.95 6.16
N LEU A 155 -2.37 -11.78 7.05
CA LEU A 155 -2.86 -13.13 7.21
C LEU A 155 -4.29 -13.15 7.74
N TYR A 156 -4.68 -12.16 8.53
CA TYR A 156 -6.03 -12.13 9.09
C TYR A 156 -7.06 -11.77 8.03
N ILE A 157 -6.80 -10.70 7.27
CA ILE A 157 -7.76 -10.26 6.26
C ILE A 157 -7.95 -11.35 5.21
N ASP A 158 -6.87 -12.03 4.83
CA ASP A 158 -6.99 -13.12 3.87
C ASP A 158 -7.76 -14.30 4.46
N SER A 159 -7.66 -14.51 5.77
CA SER A 159 -8.35 -15.65 6.38
C SER A 159 -9.85 -15.41 6.44
N VAL A 160 -10.27 -14.18 6.73
CA VAL A 160 -11.70 -13.87 6.84
C VAL A 160 -12.31 -13.47 5.51
N SER A 161 -11.52 -13.41 4.44
CA SER A 161 -11.97 -13.09 3.09
C SER A 161 -12.49 -11.66 2.97
N PHE A 162 -12.71 -11.23 1.73
CA PHE A 162 -13.24 -9.89 1.45
C PHE A 162 -14.74 -10.02 1.20
N ASN A 163 -15.48 -10.20 2.30
CA ASN A 163 -16.93 -10.39 2.25
C ASN A 163 -17.30 -11.58 1.37
N GLY A 164 -16.60 -12.70 1.59
CA GLY A 164 -16.77 -13.89 0.80
C GLY A 164 -15.93 -13.95 -0.45
N GLN A 165 -15.42 -12.83 -0.92
CA GLN A 165 -14.58 -12.79 -2.11
C GLN A 165 -13.11 -12.90 -1.71
N ALA A 166 -12.29 -13.28 -2.68
CA ALA A 166 -10.86 -13.45 -2.43
C ALA A 166 -10.20 -12.12 -2.13
N GLU A 167 -9.38 -12.09 -1.07
CA GLU A 167 -8.61 -10.91 -0.75
C GLU A 167 -7.42 -10.75 -1.69
N CYS A 168 -6.86 -11.86 -2.17
CA CYS A 168 -5.69 -11.84 -3.04
C CYS A 168 -6.10 -12.06 -4.49
N TYR A 169 -5.48 -11.30 -5.39
CA TYR A 169 -5.75 -11.41 -6.80
C TYR A 169 -4.47 -11.19 -7.59
N TYR A 170 -4.47 -11.68 -8.83
CA TYR A 170 -3.34 -11.55 -9.74
C TYR A 170 -3.86 -11.20 -11.12
N PHE A 171 -2.94 -10.80 -12.00
CA PHE A 171 -3.27 -10.46 -13.37
C PHE A 171 -2.86 -11.63 -14.26
N ALA A 172 -3.84 -12.43 -14.67
CA ALA A 172 -3.57 -13.58 -15.52
C ALA A 172 -3.21 -13.12 -16.92
N ASN A 173 -2.27 -13.84 -17.53
CA ASN A 173 -1.82 -13.56 -18.90
C ASN A 173 -1.31 -12.13 -19.02
N ALA A 174 -0.49 -11.72 -18.04
CA ALA A 174 0.06 -10.38 -18.06
C ALA A 174 1.00 -10.15 -19.23
N SER A 175 1.46 -11.23 -19.87
CA SER A 175 2.32 -11.11 -21.05
C SER A 175 1.55 -10.65 -22.28
N GLU A 176 0.24 -10.88 -22.33
CA GLU A 176 -0.57 -10.57 -23.49
C GLU A 176 -1.67 -9.59 -23.10
N PRO A 177 -1.68 -8.37 -23.66
CA PRO A 177 -2.64 -7.36 -23.17
C PRO A 177 -4.09 -7.72 -23.43
N GLU A 178 -4.39 -8.37 -24.56
CA GLU A 178 -5.77 -8.74 -24.87
C GLU A 178 -6.30 -9.81 -23.94
N ARG A 179 -5.45 -10.46 -23.15
CA ARG A 179 -5.86 -11.48 -22.20
C ARG A 179 -5.63 -11.07 -20.75
N CYS A 180 -4.94 -9.97 -20.49
CA CYS A 180 -4.61 -9.55 -19.14
C CYS A 180 -5.88 -9.15 -18.40
N GLN A 181 -6.26 -9.96 -17.40
CA GLN A 181 -7.47 -9.70 -16.65
C GLN A 181 -7.25 -10.05 -15.18
N LYS A 182 -7.95 -9.32 -14.31
CA LYS A 182 -7.85 -9.54 -12.87
C LYS A 182 -8.55 -10.83 -12.48
N MET A 183 -7.83 -11.71 -11.77
CA MET A 183 -8.34 -13.02 -11.38
C MET A 183 -8.00 -13.28 -9.92
N PRO A 184 -8.88 -13.95 -9.17
CA PRO A 184 -8.60 -14.23 -7.76
C PRO A 184 -7.46 -15.24 -7.60
N PHE A 185 -6.86 -15.22 -6.42
CA PHE A 185 -5.75 -16.10 -6.07
C PHE A 185 -5.92 -16.56 -4.64
N ASN A 186 -5.68 -17.86 -4.41
CA ASN A 186 -5.90 -18.47 -3.11
C ASN A 186 -4.61 -18.48 -2.30
N LEU A 187 -4.70 -18.10 -1.03
CA LEU A 187 -3.57 -18.09 -0.11
C LEU A 187 -3.90 -18.85 1.17
N ASP A 188 -4.65 -19.95 1.05
CA ASP A 188 -5.00 -20.73 2.24
C ASP A 188 -3.77 -21.39 2.86
N ASP A 189 -2.73 -21.64 2.06
CA ASP A 189 -1.42 -22.06 2.56
C ASP A 189 -0.42 -20.98 2.17
N PRO A 190 -0.32 -19.90 2.96
CA PRO A 190 0.39 -18.70 2.48
C PRO A 190 1.90 -18.87 2.42
N TYR A 191 2.47 -19.74 3.23
CA TYR A 191 3.93 -19.72 3.30
C TYR A 191 4.53 -20.68 2.28
N PRO A 192 5.68 -20.32 1.68
CA PRO A 192 6.40 -19.07 1.92
C PRO A 192 5.82 -17.90 1.15
N LEU A 193 6.18 -16.68 1.54
CA LEU A 193 5.61 -15.49 0.92
C LEU A 193 6.60 -14.33 1.02
N LEU A 194 6.78 -13.60 -0.07
CA LEU A 194 7.60 -12.40 -0.11
C LEU A 194 6.68 -11.18 -0.18
N VAL A 195 6.74 -10.33 0.84
CA VAL A 195 5.89 -9.15 0.92
C VAL A 195 6.73 -7.93 0.54
N VAL A 196 6.24 -7.17 -0.45
CA VAL A 196 6.91 -5.96 -0.90
C VAL A 196 6.00 -4.80 -0.51
N ASN A 197 6.39 -4.08 0.55
CA ASN A 197 5.61 -2.99 1.09
C ASN A 197 6.10 -1.69 0.46
N ILE A 198 5.30 -1.14 -0.45
CA ILE A 198 5.66 0.07 -1.18
C ILE A 198 4.92 1.24 -0.52
N GLY A 199 5.60 1.91 0.39
CA GLY A 199 5.07 3.12 0.99
C GLY A 199 5.87 4.33 0.55
N SER A 200 6.28 5.18 1.51
CA SER A 200 7.23 6.23 1.19
C SER A 200 8.51 5.63 0.62
N GLY A 201 9.05 4.61 1.30
CA GLY A 201 10.07 3.75 0.75
C GLY A 201 9.52 2.39 0.41
N VAL A 202 10.42 1.42 0.35
CA VAL A 202 10.06 0.04 0.05
C VAL A 202 10.71 -0.88 1.08
N SER A 203 9.90 -1.72 1.73
CA SER A 203 10.39 -2.76 2.61
C SER A 203 10.01 -4.12 2.04
N ILE A 204 10.96 -5.05 2.06
CA ILE A 204 10.77 -6.38 1.52
C ILE A 204 10.92 -7.39 2.65
N LEU A 205 9.89 -8.21 2.86
CA LEU A 205 9.85 -9.17 3.95
C LEU A 205 9.75 -10.58 3.41
N ALA A 206 10.42 -11.52 4.08
CA ALA A 206 10.28 -12.94 3.80
C ALA A 206 9.47 -13.58 4.92
N VAL A 207 8.33 -14.15 4.57
CA VAL A 207 7.42 -14.76 5.54
C VAL A 207 7.47 -16.26 5.33
N HIS A 208 8.07 -16.98 6.28
CA HIS A 208 8.17 -18.43 6.22
C HIS A 208 7.13 -19.13 7.08
N SER A 209 6.62 -18.47 8.12
CA SER A 209 5.55 -19.02 8.95
C SER A 209 4.86 -17.86 9.65
N LYS A 210 3.82 -18.19 10.43
CA LYS A 210 3.08 -17.18 11.17
C LYS A 210 3.93 -16.50 12.23
N ASP A 211 5.03 -17.15 12.66
CA ASP A 211 5.92 -16.58 13.65
C ASP A 211 7.36 -16.49 13.17
N ASN A 212 7.64 -16.87 11.93
CA ASN A 212 8.99 -16.84 11.35
C ASN A 212 8.97 -15.95 10.12
N TYR A 213 9.31 -14.68 10.31
CA TYR A 213 9.39 -13.73 9.22
C TYR A 213 10.52 -12.75 9.49
N LYS A 214 11.14 -12.26 8.42
CA LYS A 214 12.28 -11.36 8.52
C LYS A 214 12.20 -10.30 7.42
N ARG A 215 12.75 -9.13 7.72
CA ARG A 215 12.91 -8.08 6.73
C ARG A 215 14.15 -8.38 5.90
N VAL A 216 13.96 -8.72 4.62
CA VAL A 216 15.09 -9.07 3.78
C VAL A 216 15.97 -7.86 3.52
N THR A 217 15.39 -6.80 2.96
CA THR A 217 16.14 -5.58 2.65
C THR A 217 15.13 -4.45 2.47
N GLY A 218 15.60 -3.35 1.87
CA GLY A 218 14.72 -2.25 1.52
C GLY A 218 15.42 -1.32 0.57
N THR A 219 14.62 -0.53 -0.14
CA THR A 219 15.15 0.50 -1.03
C THR A 219 14.40 1.80 -0.82
N SER A 220 15.12 2.92 -0.87
CA SER A 220 14.54 4.23 -0.62
C SER A 220 13.82 4.79 -1.84
N LEU A 221 13.80 4.06 -2.95
CA LEU A 221 13.11 4.50 -4.16
C LEU A 221 11.73 3.85 -4.15
N GLY A 222 10.76 4.56 -3.57
CA GLY A 222 9.40 4.08 -3.43
C GLY A 222 8.38 5.13 -3.86
N GLY A 223 7.20 5.06 -3.24
CA GLY A 223 6.12 5.97 -3.61
C GLY A 223 6.47 7.42 -3.37
N GLY A 224 7.24 7.71 -2.32
CA GLY A 224 7.67 9.07 -2.06
C GLY A 224 8.59 9.60 -3.14
N THR A 225 9.40 8.72 -3.74
CA THR A 225 10.26 9.13 -4.84
C THR A 225 9.44 9.49 -6.07
N PHE A 226 8.42 8.68 -6.38
CA PHE A 226 7.54 8.99 -7.50
C PHE A 226 6.83 10.32 -7.29
N LEU A 227 6.22 10.50 -6.11
CA LEU A 227 5.47 11.73 -5.86
C LEU A 227 6.40 12.93 -5.74
N GLY A 228 7.56 12.74 -5.12
CA GLY A 228 8.49 13.85 -4.96
C GLY A 228 9.09 14.30 -6.28
N LEU A 229 9.57 13.35 -7.09
CA LEU A 229 10.15 13.70 -8.38
C LEU A 229 9.09 14.25 -9.33
N CYS A 230 7.90 13.65 -9.33
CA CYS A 230 6.85 14.11 -10.23
C CYS A 230 6.43 15.54 -9.90
N SER A 231 6.44 15.88 -8.61
CA SER A 231 6.12 17.25 -8.22
C SER A 231 7.18 18.23 -8.71
N LEU A 232 8.46 17.82 -8.66
CA LEU A 232 9.53 18.69 -9.12
C LEU A 232 9.52 18.84 -10.64
N LEU A 233 9.23 17.76 -11.35
CA LEU A 233 9.31 17.77 -12.81
C LEU A 233 8.03 18.26 -13.48
N THR A 234 6.86 17.90 -12.94
CA THR A 234 5.60 18.21 -13.59
C THR A 234 4.75 19.23 -12.85
N GLY A 235 5.11 19.58 -11.62
CA GLY A 235 4.28 20.49 -10.85
C GLY A 235 2.95 19.91 -10.42
N CYS A 236 2.82 18.58 -10.43
CA CYS A 236 1.58 17.95 -10.01
C CYS A 236 1.29 18.27 -8.55
N GLU A 237 0.01 18.34 -8.22
CA GLU A 237 -0.42 18.73 -6.88
C GLU A 237 -1.15 17.62 -6.14
N SER A 238 -1.16 16.40 -6.67
CA SER A 238 -1.77 15.28 -5.96
C SER A 238 -1.24 13.98 -6.55
N PHE A 239 -1.30 12.92 -5.74
CA PHE A 239 -0.93 11.59 -6.22
C PHE A 239 -1.85 11.16 -7.36
N GLU A 240 -3.14 11.50 -7.28
CA GLU A 240 -4.06 11.14 -8.35
C GLU A 240 -3.76 11.92 -9.62
N GLU A 241 -3.42 13.21 -9.50
CA GLU A 241 -3.08 14.00 -10.67
C GLU A 241 -1.81 13.49 -11.34
N ALA A 242 -0.85 13.00 -10.55
CA ALA A 242 0.37 12.44 -11.13
C ALA A 242 0.08 11.18 -11.95
N LEU A 243 -0.81 10.32 -11.44
CA LEU A 243 -1.19 9.12 -12.18
C LEU A 243 -1.93 9.48 -13.47
N GLU A 244 -2.79 10.50 -13.40
CA GLU A 244 -3.51 10.92 -14.60
C GLU A 244 -2.56 11.50 -15.65
N MET A 245 -1.56 12.26 -15.21
CA MET A 245 -0.52 12.73 -16.13
C MET A 245 0.23 11.55 -16.74
N ALA A 246 0.59 10.57 -15.91
CA ALA A 246 1.36 9.44 -16.39
C ALA A 246 0.57 8.60 -17.39
N SER A 247 -0.76 8.55 -17.25
CA SER A 247 -1.57 7.77 -18.18
C SER A 247 -1.58 8.38 -19.57
N LYS A 248 -1.34 9.68 -19.68
CA LYS A 248 -1.36 10.38 -20.96
C LYS A 248 0.04 10.58 -21.53
N GLY A 249 1.07 10.05 -20.89
CA GLY A 249 2.44 10.30 -21.31
C GLY A 249 3.08 9.12 -22.03
N ASP A 250 4.27 9.38 -22.56
CA ASP A 250 5.09 8.38 -23.25
C ASP A 250 6.46 8.40 -22.61
N SER A 251 6.77 7.37 -21.81
CA SER A 251 8.04 7.34 -21.08
C SER A 251 9.24 7.20 -22.01
N THR A 252 9.06 6.71 -23.23
CA THR A 252 10.17 6.56 -24.16
C THR A 252 10.71 7.91 -24.64
N GLN A 253 9.94 8.99 -24.45
CA GLN A 253 10.44 10.32 -24.79
C GLN A 253 11.54 10.78 -23.85
N ALA A 254 11.60 10.23 -22.63
CA ALA A 254 12.65 10.56 -21.68
C ALA A 254 13.65 9.43 -21.46
N ASP A 255 13.22 8.18 -21.57
CA ASP A 255 14.09 7.03 -21.34
C ASP A 255 14.86 6.69 -22.60
N LYS A 256 16.12 6.29 -22.42
CA LYS A 256 16.92 5.73 -23.49
C LYS A 256 16.75 4.22 -23.50
N LEU A 257 16.34 3.67 -24.64
CA LEU A 257 16.01 2.26 -24.75
C LEU A 257 17.18 1.47 -25.30
N VAL A 258 17.05 0.15 -25.26
CA VAL A 258 18.08 -0.73 -25.80
C VAL A 258 18.27 -0.48 -27.29
N ARG A 259 17.19 -0.24 -28.02
CA ARG A 259 17.29 0.03 -29.44
C ARG A 259 17.91 1.39 -29.73
N ASP A 260 17.89 2.31 -28.76
CA ASP A 260 18.57 3.58 -28.94
C ASP A 260 20.10 3.44 -28.90
N ILE A 261 20.59 2.37 -28.29
CA ILE A 261 22.02 2.14 -28.16
C ILE A 261 22.52 1.13 -29.19
N TYR A 262 21.74 0.09 -29.46
CA TYR A 262 22.13 -0.96 -30.39
C TYR A 262 21.51 -0.83 -31.77
N GLY A 263 20.40 -0.10 -31.90
CA GLY A 263 19.62 -0.13 -33.11
C GLY A 263 18.63 -1.27 -33.20
N GLY A 264 18.55 -2.10 -32.17
CA GLY A 264 17.65 -3.24 -32.15
C GLY A 264 17.68 -3.97 -30.83
N ASP A 265 17.56 -5.29 -30.87
CA ASP A 265 17.58 -6.10 -29.66
C ASP A 265 18.99 -6.59 -29.36
N TYR A 266 19.35 -6.59 -28.07
CA TYR A 266 20.61 -7.16 -27.61
C TYR A 266 20.37 -8.65 -27.33
N GLU A 267 20.35 -9.43 -28.42
CA GLU A 267 19.94 -10.83 -28.31
C GLU A 267 21.00 -11.69 -27.63
N ARG A 268 22.25 -11.24 -27.57
CA ARG A 268 23.28 -11.99 -26.86
C ARG A 268 22.90 -12.21 -25.41
N PHE A 269 22.23 -11.24 -24.78
CA PHE A 269 21.80 -11.36 -23.40
C PHE A 269 20.28 -11.27 -23.26
N GLY A 270 19.55 -11.59 -24.32
CA GLY A 270 18.09 -11.64 -24.25
C GLY A 270 17.43 -10.35 -23.84
N LEU A 271 17.90 -9.23 -24.35
CA LEU A 271 17.33 -7.92 -24.03
C LEU A 271 16.57 -7.39 -25.23
N PRO A 272 15.25 -7.24 -25.15
CA PRO A 272 14.50 -6.70 -26.29
C PRO A 272 14.80 -5.22 -26.49
N GLY A 273 14.49 -4.75 -27.71
CA GLY A 273 14.74 -3.35 -28.04
C GLY A 273 13.90 -2.38 -27.24
N TRP A 274 12.73 -2.81 -26.77
CA TRP A 274 11.86 -1.94 -26.01
C TRP A 274 12.30 -1.79 -24.56
N ALA A 275 13.18 -2.66 -24.08
CA ALA A 275 13.63 -2.57 -22.70
C ALA A 275 14.38 -1.26 -22.47
N VAL A 276 14.20 -0.70 -21.27
CA VAL A 276 14.85 0.56 -20.91
C VAL A 276 16.31 0.28 -20.58
N ALA A 277 17.22 0.99 -21.25
CA ALA A 277 18.63 0.86 -20.94
C ALA A 277 19.11 1.91 -19.94
N SER A 278 18.54 3.12 -20.01
CA SER A 278 18.93 4.20 -19.12
C SER A 278 17.70 5.05 -18.85
N SER A 279 17.15 4.94 -17.64
CA SER A 279 15.99 5.75 -17.27
C SER A 279 16.36 7.23 -17.29
N PHE A 280 15.51 8.04 -17.91
CA PHE A 280 15.76 9.46 -18.14
C PHE A 280 17.06 9.70 -18.93
N GLY A 281 17.55 8.66 -19.62
CA GLY A 281 18.81 8.76 -20.32
C GLY A 281 18.78 9.69 -21.52
N ASN A 282 17.63 9.81 -22.18
CA ASN A 282 17.51 10.75 -23.30
C ASN A 282 17.45 12.19 -22.86
N MET A 283 17.34 12.46 -21.55
CA MET A 283 17.28 13.83 -21.06
C MET A 283 18.67 14.46 -20.90
N ILE A 284 19.73 13.76 -21.30
CA ILE A 284 21.06 14.38 -21.34
C ILE A 284 21.22 15.28 -22.55
N TYR A 285 20.31 15.19 -23.52
CA TYR A 285 20.34 16.01 -24.72
C TYR A 285 19.37 17.17 -24.56
N LYS A 286 19.86 18.40 -24.77
CA LYS A 286 19.05 19.58 -24.53
C LYS A 286 17.84 19.62 -25.46
N GLU A 287 17.98 19.13 -26.69
CA GLU A 287 16.88 19.18 -27.63
C GLU A 287 15.72 18.28 -27.19
N LYS A 288 16.02 17.19 -26.49
CA LYS A 288 14.96 16.31 -26.02
C LYS A 288 14.36 16.78 -24.71
N ARG A 289 15.11 17.53 -23.91
CA ARG A 289 14.53 18.16 -22.72
C ARG A 289 13.52 19.23 -23.11
N GLU A 290 13.75 19.92 -24.22
CA GLU A 290 12.82 20.94 -24.69
C GLU A 290 11.60 20.35 -25.39
N SER A 291 11.69 19.10 -25.85
CA SER A 291 10.59 18.46 -26.56
C SER A 291 9.72 17.59 -25.68
N VAL A 292 10.22 17.19 -24.52
CA VAL A 292 9.49 16.27 -23.65
C VAL A 292 8.33 17.00 -22.99
N SER A 293 7.19 16.31 -22.88
CA SER A 293 6.03 16.87 -22.18
C SER A 293 6.06 16.45 -20.72
N LYS A 294 5.37 17.21 -19.89
CA LYS A 294 5.34 16.88 -18.47
C LYS A 294 4.53 15.60 -18.21
N GLU A 295 3.63 15.24 -19.13
CA GLU A 295 2.99 13.93 -19.04
C GLU A 295 4.00 12.82 -19.30
N ASP A 296 4.94 13.04 -20.22
CA ASP A 296 5.98 12.06 -20.47
C ASP A 296 6.87 11.87 -19.24
N LEU A 297 7.24 12.98 -18.58
CA LEU A 297 8.08 12.88 -17.39
C LEU A 297 7.36 12.18 -16.26
N ALA A 298 6.04 12.39 -16.15
CA ALA A 298 5.27 11.69 -15.13
C ALA A 298 5.28 10.18 -15.38
N ARG A 299 5.05 9.77 -16.62
CA ARG A 299 5.08 8.36 -16.96
C ARG A 299 6.47 7.77 -16.76
N ALA A 300 7.50 8.51 -17.16
CA ALA A 300 8.87 8.02 -16.99
C ALA A 300 9.22 7.85 -15.52
N THR A 301 8.73 8.75 -14.67
CA THR A 301 8.97 8.61 -13.24
C THR A 301 8.28 7.37 -12.69
N LEU A 302 7.00 7.18 -13.05
CA LEU A 302 6.27 6.00 -12.61
C LEU A 302 6.95 4.72 -13.10
N VAL A 303 7.30 4.68 -14.38
CA VAL A 303 7.91 3.48 -14.95
C VAL A 303 9.26 3.19 -14.27
N THR A 304 10.06 4.24 -14.08
CA THR A 304 11.37 4.06 -13.46
C THR A 304 11.25 3.49 -12.05
N ILE A 305 10.36 4.07 -11.24
CA ILE A 305 10.20 3.60 -9.87
C ILE A 305 9.62 2.19 -9.85
N THR A 306 8.59 1.96 -10.66
CA THR A 306 7.91 0.66 -10.65
C THR A 306 8.83 -0.44 -11.16
N ASN A 307 9.56 -0.19 -12.26
CA ASN A 307 10.45 -1.21 -12.80
C ASN A 307 11.56 -1.57 -11.82
N ASN A 308 12.12 -0.56 -11.14
CA ASN A 308 13.19 -0.82 -10.19
C ASN A 308 12.69 -1.64 -9.00
N ILE A 309 11.47 -1.36 -8.54
CA ILE A 309 10.90 -2.14 -7.46
C ILE A 309 10.68 -3.59 -7.90
N GLY A 310 10.17 -3.79 -9.12
CA GLY A 310 9.98 -5.14 -9.61
C GLY A 310 11.27 -5.92 -9.75
N SER A 311 12.32 -5.24 -10.22
CA SER A 311 13.63 -5.90 -10.35
C SER A 311 14.20 -6.27 -9.00
N VAL A 312 14.09 -5.38 -8.02
CA VAL A 312 14.57 -5.68 -6.67
C VAL A 312 13.75 -6.80 -6.06
N ALA A 313 12.43 -6.81 -6.30
CA ALA A 313 11.58 -7.87 -5.77
C ALA A 313 11.96 -9.22 -6.38
N ARG A 314 12.28 -9.24 -7.67
CA ARG A 314 12.69 -10.49 -8.31
C ARG A 314 14.02 -10.99 -7.75
N MET A 315 14.95 -10.08 -7.49
CA MET A 315 16.25 -10.48 -6.95
C MET A 315 16.11 -11.07 -5.56
N CYS A 316 15.28 -10.46 -4.71
CA CYS A 316 15.07 -11.00 -3.37
C CYS A 316 14.34 -12.33 -3.43
N ALA A 317 13.39 -12.47 -4.36
CA ALA A 317 12.63 -13.71 -4.47
C ALA A 317 13.54 -14.88 -4.85
N VAL A 318 14.49 -14.64 -5.76
CA VAL A 318 15.40 -15.71 -6.17
C VAL A 318 16.34 -16.08 -5.04
N ASN A 319 16.84 -15.08 -4.32
CA ASN A 319 17.78 -15.36 -3.24
C ASN A 319 17.07 -16.02 -2.05
N GLU A 320 15.85 -15.58 -1.74
CA GLU A 320 15.07 -16.19 -0.68
C GLU A 320 14.36 -17.47 -1.13
N LYS A 321 14.40 -17.79 -2.43
CA LYS A 321 13.79 -19.00 -2.99
C LYS A 321 12.28 -19.02 -2.72
N ILE A 322 11.63 -17.91 -3.04
CA ILE A 322 10.19 -17.74 -2.89
C ILE A 322 9.63 -17.34 -4.26
N ASN A 323 8.53 -17.98 -4.66
CA ASN A 323 7.95 -17.73 -5.97
C ASN A 323 6.70 -16.86 -5.95
N ARG A 324 6.12 -16.61 -4.78
CA ARG A 324 4.95 -15.75 -4.65
C ARG A 324 5.38 -14.43 -4.03
N VAL A 325 5.25 -13.35 -4.81
CA VAL A 325 5.60 -12.01 -4.38
C VAL A 325 4.33 -11.19 -4.33
N VAL A 326 3.96 -10.71 -3.14
CA VAL A 326 2.75 -9.94 -2.94
C VAL A 326 3.15 -8.49 -2.66
N PHE A 327 2.45 -7.56 -3.30
CA PHE A 327 2.76 -6.14 -3.19
C PHE A 327 1.68 -5.44 -2.36
N VAL A 328 2.11 -4.68 -1.35
CA VAL A 328 1.20 -3.91 -0.52
C VAL A 328 1.69 -2.47 -0.44
N GLY A 329 1.05 -1.67 0.41
CA GLY A 329 1.30 -0.24 0.44
C GLY A 329 0.32 0.51 -0.44
N ASN A 330 0.35 1.84 -0.30
CA ASN A 330 -0.59 2.71 -0.98
C ASN A 330 -0.04 3.30 -2.27
N PHE A 331 1.18 2.96 -2.66
CA PHE A 331 1.68 3.40 -3.96
C PHE A 331 0.87 2.78 -5.09
N LEU A 332 0.25 1.64 -4.85
CA LEU A 332 -0.50 0.91 -5.86
C LEU A 332 -2.00 1.16 -5.82
N ARG A 333 -2.50 1.92 -4.84
CA ARG A 333 -3.92 2.23 -4.83
C ARG A 333 -4.27 3.10 -6.02
N VAL A 334 -5.47 2.86 -6.58
CA VAL A 334 -5.97 3.47 -7.82
C VAL A 334 -4.87 3.63 -8.85
N ASN A 335 -3.93 2.68 -8.89
CA ASN A 335 -2.74 2.74 -9.74
C ASN A 335 -2.63 1.41 -10.48
N THR A 336 -3.47 1.25 -11.50
CA THR A 336 -3.47 0.00 -12.25
C THR A 336 -2.25 -0.12 -13.17
N LEU A 337 -1.69 1.00 -13.59
CA LEU A 337 -0.54 0.95 -14.49
C LEU A 337 0.66 0.30 -13.82
N SER A 338 0.96 0.70 -12.59
CA SER A 338 2.07 0.09 -11.87
C SER A 338 1.78 -1.37 -11.56
N MET A 339 0.53 -1.70 -11.25
CA MET A 339 0.17 -3.10 -11.03
C MET A 339 0.38 -3.93 -12.29
N LYS A 340 -0.15 -3.46 -13.42
CA LYS A 340 0.06 -4.16 -14.68
C LYS A 340 1.54 -4.20 -15.04
N LEU A 341 2.26 -3.11 -14.76
CA LEU A 341 3.70 -3.09 -15.04
C LEU A 341 4.43 -4.11 -14.17
N LEU A 342 4.08 -4.17 -12.89
CA LEU A 342 4.70 -5.17 -12.00
C LEU A 342 4.32 -6.58 -12.43
N ALA A 343 3.06 -6.79 -12.82
CA ALA A 343 2.63 -8.13 -13.22
C ALA A 343 3.35 -8.58 -14.47
N TYR A 344 3.44 -7.71 -15.48
CA TYR A 344 4.11 -8.07 -16.72
C TYR A 344 5.61 -8.26 -16.51
N ALA A 345 6.23 -7.38 -15.74
CA ALA A 345 7.68 -7.44 -15.56
C ALA A 345 8.09 -8.68 -14.79
N LEU A 346 7.40 -8.97 -13.69
CA LEU A 346 7.75 -10.13 -12.87
C LEU A 346 7.54 -11.43 -13.62
N ASP A 347 6.54 -11.49 -14.51
CA ASP A 347 6.30 -12.71 -15.28
C ASP A 347 7.29 -12.87 -16.42
N TYR A 348 7.60 -11.77 -17.12
CA TYR A 348 8.48 -11.85 -18.27
C TYR A 348 9.92 -12.13 -17.85
N TRP A 349 10.46 -11.30 -16.96
CA TRP A 349 11.88 -11.39 -16.64
C TRP A 349 12.22 -12.65 -15.85
N SER A 350 11.27 -13.15 -15.05
CA SER A 350 11.47 -14.43 -14.39
C SER A 350 11.15 -15.61 -15.30
N LYS A 351 10.74 -15.34 -16.54
CA LYS A 351 10.42 -16.39 -17.50
C LYS A 351 9.31 -17.29 -17.00
N GLY A 352 8.38 -16.69 -16.24
CA GLY A 352 7.18 -17.37 -15.78
C GLY A 352 7.29 -18.07 -14.45
N GLN A 353 8.40 -17.92 -13.73
CA GLN A 353 8.60 -18.65 -12.48
C GLN A 353 8.16 -17.87 -11.25
N LEU A 354 7.98 -16.55 -11.37
CA LEU A 354 7.51 -15.72 -10.27
C LEU A 354 6.12 -15.18 -10.57
N LYS A 355 5.34 -14.95 -9.51
CA LYS A 355 3.95 -14.52 -9.62
C LYS A 355 3.78 -13.21 -8.86
N ALA A 356 3.29 -12.19 -9.55
CA ALA A 356 2.97 -10.92 -8.90
C ALA A 356 1.57 -10.99 -8.33
N LEU A 357 1.44 -10.76 -7.02
CA LEU A 357 0.17 -10.87 -6.33
C LEU A 357 -0.18 -9.54 -5.69
N PHE A 358 -1.49 -9.27 -5.60
CA PHE A 358 -1.99 -8.03 -5.04
C PHE A 358 -3.16 -8.32 -4.10
N LEU A 359 -3.41 -7.38 -3.20
CA LEU A 359 -4.41 -7.54 -2.16
C LEU A 359 -5.34 -6.33 -2.17
N GLU A 360 -6.63 -6.57 -1.93
CA GLU A 360 -7.61 -5.49 -2.03
C GLU A 360 -7.42 -4.45 -0.94
N HIS A 361 -6.95 -4.86 0.24
CA HIS A 361 -6.74 -3.95 1.35
C HIS A 361 -5.25 -3.57 1.48
N GLU A 362 -4.73 -2.99 0.40
CA GLU A 362 -3.29 -2.79 0.24
C GLU A 362 -2.65 -2.11 1.45
N GLY A 363 -3.06 -0.88 1.73
CA GLY A 363 -2.36 -0.07 2.70
C GLY A 363 -2.83 -0.14 4.14
N TYR A 364 -3.72 -1.08 4.48
CA TYR A 364 -4.34 -1.09 5.80
C TYR A 364 -3.93 -2.27 6.67
N PHE A 365 -3.03 -3.13 6.21
CA PHE A 365 -2.73 -4.35 6.97
C PHE A 365 -2.02 -4.01 8.29
N GLY A 366 -1.16 -3.00 8.28
CA GLY A 366 -0.51 -2.59 9.53
C GLY A 366 -1.50 -2.08 10.55
N ALA A 367 -2.50 -1.33 10.10
CA ALA A 367 -3.52 -0.83 11.02
C ALA A 367 -4.37 -1.97 11.56
N VAL A 368 -4.68 -2.97 10.73
CA VAL A 368 -5.44 -4.12 11.19
C VAL A 368 -4.63 -4.92 12.20
N GLY A 369 -3.36 -5.16 11.90
CA GLY A 369 -2.52 -5.89 12.83
C GLY A 369 -2.38 -5.20 14.17
N ALA A 370 -2.36 -3.86 14.15
CA ALA A 370 -2.32 -3.11 15.40
C ALA A 370 -3.60 -3.34 16.21
N LEU A 371 -4.76 -3.27 15.54
CA LEU A 371 -6.02 -3.52 16.21
C LEU A 371 -6.08 -4.93 16.80
N LEU A 372 -5.47 -5.90 16.12
CA LEU A 372 -5.47 -7.27 16.61
C LEU A 372 -4.59 -7.46 17.85
N GLY A 373 -3.75 -6.48 18.17
CA GLY A 373 -2.98 -6.51 19.40
C GLY A 373 -3.72 -6.01 20.62
N LEU A 374 -4.99 -5.64 20.46
CA LEU A 374 -5.76 -5.11 21.58
C LEU A 374 -5.94 -6.10 22.74
N PRO A 375 -6.24 -7.38 22.52
CA PRO A 375 -6.39 -8.29 23.67
C PRO A 375 -5.13 -8.44 24.50
N ASN A 376 -3.97 -8.11 23.95
CA ASN A 376 -2.71 -8.23 24.68
C ASN A 376 -2.51 -7.11 25.70
N PHE A 377 -3.49 -6.23 25.87
CA PHE A 377 -3.38 -5.13 26.83
C PHE A 377 -4.65 -4.98 27.65
C02 A1BHH B . 23.87 -0.67 0.23
C03 A1BHH B . 23.29 0.60 0.08
C04 A1BHH B . 22.02 0.86 0.68
C07 A1BHH B . 21.44 -0.20 1.40
C09 A1BHH B . 19.23 -1.14 2.47
C10 A1BHH B . 18.65 -0.96 3.89
C12 A1BHH B . 16.60 0.56 4.31
C13 A1BHH B . 16.09 2.03 4.43
C14 A1BHH B . 14.55 2.16 4.11
C15 A1BHH B . 13.69 2.71 5.06
C16 A1BHH B . 12.33 2.84 4.78
C19 A1BHH B . 11.09 1.02 7.42
C20 A1BHH B . 9.67 0.78 6.88
C23 A1BHH B . 11.82 2.41 3.56
C24 A1BHH B . 12.68 1.87 2.60
C25 A1BHH B . 14.05 1.73 2.87
C27 A1BHH B . 19.01 1.36 3.85
C28 A1BHH B . 19.57 1.34 2.42
N05 A1BHH B . 23.25 -1.58 0.92
N06 A1BHH B . 22.05 -1.35 1.50
N08 A1BHH B . 20.12 -0.01 2.05
N11 A1BHH B . 18.07 0.32 4.03
N17 A1BHH B . 11.42 3.42 5.79
O21 A1BHH B . 12.71 3.11 8.08
O22 A1BHH B . 10.50 3.56 8.23
O26 A1BHH B . 15.86 -0.35 4.44
S18 A1BHH B . 11.45 2.81 7.41
CL01 A1BHH B . 25.47 -1.03 -0.50
MG MG C . 3.82 2.20 6.05
PG ANP D . 6.18 4.54 5.43
O1G ANP D . 7.54 4.41 4.80
O2G ANP D . 6.36 5.10 6.82
O3G ANP D . 5.46 3.21 5.53
PB ANP D . 3.66 5.21 4.58
O1B ANP D . 2.84 6.41 4.97
O2B ANP D . 3.38 4.05 5.50
N3B ANP D . 5.25 5.60 4.58
PA ANP D . 1.89 4.17 2.40
O1A ANP D . 1.88 2.67 2.40
O2A ANP D . 0.68 4.67 3.13
O3A ANP D . 3.24 4.72 3.10
O5' ANP D . 1.88 4.71 0.90
C5' ANP D . 2.38 6.01 0.57
C4' ANP D . 2.46 6.16 -0.95
O4' ANP D . 1.18 5.87 -1.54
C3' ANP D . 2.76 7.62 -1.30
O3' ANP D . 4.19 7.81 -1.40
C2' ANP D . 2.10 7.76 -2.69
O2' ANP D . 2.99 7.36 -3.73
C1' ANP D . 0.89 6.77 -2.58
N9 ANP D . -0.38 7.48 -2.32
C8 ANP D . -1.62 6.99 -2.62
N7 ANP D . -2.55 7.86 -2.26
C5 ANP D . -1.95 8.95 -1.71
C6 ANP D . -2.43 10.15 -1.18
N6 ANP D . -3.79 10.41 -1.13
N1 ANP D . -1.56 11.05 -0.70
C2 ANP D . -0.27 10.76 -0.77
N3 ANP D . 0.25 9.65 -1.25
C4 ANP D . -0.55 8.72 -1.74
C1 EDO E . -6.22 12.08 1.03
O1 EDO E . -4.98 12.79 0.93
C2 EDO E . -6.10 11.00 2.11
O2 EDO E . -5.09 10.06 1.73
C1 EDO F . 23.70 17.50 -19.85
O1 EDO F . 24.47 16.66 -20.72
C2 EDO F . 23.62 18.91 -20.43
O2 EDO F . 22.98 18.86 -21.71
C ACT G . 0.42 -2.22 5.08
O ACT G . 0.95 -2.13 6.22
OXT ACT G . -0.71 -2.69 4.77
CH3 ACT G . 1.26 -1.69 3.87
#